data_2OWP
#
_entry.id   2OWP
#
_cell.length_a   80.518
_cell.length_b   80.518
_cell.length_c   116.256
_cell.angle_alpha   90.000
_cell.angle_beta   90.000
_cell.angle_gamma   120.000
#
_symmetry.space_group_name_H-M   'P 31 2 1'
#
loop_
_entity.id
_entity.type
_entity.pdbx_description
1 polymer 'Hypothetical protein Bxe_B1374'
2 non-polymer 'SULFATE ION'
3 non-polymer 1,2-ETHANEDIOL
4 water water
#
_entity_poly.entity_id   1
_entity_poly.type   'polypeptide(L)'
_entity_poly.pdbx_seq_one_letter_code
;G(MSE)EVNQPDIVAQVQAAFVEYERALVENDIEA(MSE)NALFWHTPETVRYGIAEVQHGGEAIRAWRERCEPVPKSRK
LHRTVVTTFGTDFATVSTEFTSDATPLLGRQ(MSE)QTWARLSPADGWKIVAAHVSLIA(MSE)P
;
_entity_poly.pdbx_strand_id   A,B
#
loop_
_chem_comp.id
_chem_comp.type
_chem_comp.name
_chem_comp.formula
EDO non-polymer 1,2-ETHANEDIOL 'C2 H6 O2'
SO4 non-polymer 'SULFATE ION' 'O4 S -2'
#
# COMPACT_ATOMS: atom_id res chain seq x y z
N GLY A 1 -3.76 16.84 13.83
CA GLY A 1 -2.34 16.79 13.38
C GLY A 1 -1.94 15.39 12.95
N MSE A 2 -0.67 15.05 13.18
CA MSE A 2 -0.13 13.72 12.85
C MSE A 2 0.71 13.17 14.03
O MSE A 2 1.94 13.06 13.98
CB MSE A 2 0.72 13.80 11.59
CG MSE A 2 0.03 14.50 10.47
SE MSE A 2 -1.26 13.36 9.61
CE MSE A 2 -0.08 12.96 8.08
N GLU A 3 0.00 12.87 15.12
CA GLU A 3 0.55 12.00 16.13
C GLU A 3 0.51 10.62 15.51
N VAL A 4 1.60 9.88 15.65
CA VAL A 4 1.72 8.52 15.17
C VAL A 4 1.23 7.55 16.25
N ASN A 5 0.33 6.65 15.85
CA ASN A 5 -0.12 5.55 16.72
C ASN A 5 -0.79 6.00 18.01
N GLN A 6 -1.69 6.96 17.91
CA GLN A 6 -2.54 7.32 19.01
C GLN A 6 -3.30 6.07 19.39
N PRO A 7 -3.27 5.68 20.68
CA PRO A 7 -3.84 4.38 21.04
C PRO A 7 -5.31 4.11 20.69
N ASP A 8 -6.19 5.11 20.81
CA ASP A 8 -7.62 4.93 20.45
C ASP A 8 -7.75 4.63 18.99
N ILE A 9 -6.93 5.30 18.19
CA ILE A 9 -6.99 5.22 16.75
C ILE A 9 -6.42 3.87 16.31
N VAL A 10 -5.32 3.42 16.92
CA VAL A 10 -4.81 2.06 16.61
C VAL A 10 -5.88 0.97 16.89
N ALA A 11 -6.60 1.14 17.99
CA ALA A 11 -7.63 0.20 18.40
C ALA A 11 -8.80 0.17 17.41
N GLN A 12 -9.25 1.33 16.94
CA GLN A 12 -10.31 1.42 15.91
C GLN A 12 -9.88 0.70 14.66
N VAL A 13 -8.67 0.99 14.20
CA VAL A 13 -8.19 0.36 12.95
C VAL A 13 -7.98 -1.17 13.10
N GLN A 14 -7.45 -1.62 14.23
CA GLN A 14 -7.34 -3.06 14.49
CA GLN A 14 -7.33 -3.06 14.49
C GLN A 14 -8.71 -3.69 14.40
N ALA A 15 -9.71 -3.04 15.00
CA ALA A 15 -11.07 -3.58 15.02
C ALA A 15 -11.60 -3.74 13.59
N ALA A 16 -11.43 -2.68 12.79
CA ALA A 16 -11.93 -2.63 11.41
C ALA A 16 -11.18 -3.65 10.54
N PHE A 17 -9.87 -3.70 10.73
CA PHE A 17 -9.01 -4.65 10.03
C PHE A 17 -9.42 -6.11 10.30
N VAL A 18 -9.63 -6.47 11.56
CA VAL A 18 -9.90 -7.89 11.89
C VAL A 18 -11.30 -8.26 11.47
N GLU A 19 -12.18 -7.25 11.40
CA GLU A 19 -13.49 -7.44 10.78
C GLU A 19 -13.39 -7.67 9.29
N TYR A 20 -12.48 -6.98 8.63
CA TYR A 20 -12.24 -7.27 7.19
C TYR A 20 -11.73 -8.69 6.96
N GLU A 21 -10.79 -9.12 7.80
CA GLU A 21 -10.25 -10.49 7.75
C GLU A 21 -11.34 -11.53 7.95
N ARG A 22 -12.26 -11.29 8.88
CA ARG A 22 -13.41 -12.19 9.01
C ARG A 22 -14.19 -12.26 7.71
N ALA A 23 -14.56 -11.08 7.18
CA ALA A 23 -15.26 -11.00 5.88
C ALA A 23 -14.50 -11.78 4.81
N LEU A 24 -13.17 -11.62 4.78
CA LEU A 24 -12.32 -12.36 3.82
C LEU A 24 -12.47 -13.83 4.01
N VAL A 25 -12.28 -14.30 5.25
CA VAL A 25 -12.29 -15.75 5.52
C VAL A 25 -13.66 -16.33 5.22
N GLU A 26 -14.73 -15.63 5.56
CA GLU A 26 -16.04 -16.18 5.34
C GLU A 26 -16.59 -15.92 3.92
N ASN A 27 -15.78 -15.25 3.09
CA ASN A 27 -16.17 -14.72 1.76
C ASN A 27 -17.50 -13.98 1.87
N ASP A 28 -17.55 -13.08 2.83
CA ASP A 28 -18.72 -12.25 3.11
C ASP A 28 -18.56 -11.00 2.27
N ILE A 29 -19.01 -11.09 1.03
CA ILE A 29 -18.83 -10.03 0.05
C ILE A 29 -19.48 -8.70 0.46
N GLU A 30 -20.69 -8.71 1.00
CA GLU A 30 -21.34 -7.47 1.42
C GLU A 30 -20.53 -6.73 2.50
N ALA A 31 -19.97 -7.47 3.45
CA ALA A 31 -19.17 -6.92 4.53
C ALA A 31 -17.87 -6.37 3.98
N MSE A 32 -17.23 -7.08 3.04
CA MSE A 32 -16.04 -6.54 2.39
C MSE A 32 -16.33 -5.26 1.64
O MSE A 32 -15.55 -4.33 1.73
CB MSE A 32 -15.43 -7.57 1.44
CG MSE A 32 -14.78 -8.71 2.15
SE MSE A 32 -13.85 -9.89 0.92
CE MSE A 32 -15.29 -11.06 0.39
N ASN A 33 -17.43 -5.22 0.90
CA ASN A 33 -17.80 -4.04 0.15
C ASN A 33 -18.07 -2.83 1.06
N ALA A 34 -18.66 -3.08 2.24
CA ALA A 34 -18.93 -2.02 3.23
C ALA A 34 -17.66 -1.31 3.71
N LEU A 35 -16.55 -2.02 3.72
CA LEU A 35 -15.30 -1.51 4.25
C LEU A 35 -14.28 -1.10 3.19
N PHE A 36 -14.61 -1.19 1.92
CA PHE A 36 -13.68 -0.84 0.87
C PHE A 36 -14.26 0.40 0.13
N TRP A 37 -13.42 1.40 -0.08
CA TRP A 37 -13.80 2.62 -0.78
C TRP A 37 -14.33 2.29 -2.17
N HIS A 38 -15.44 2.91 -2.53
CA HIS A 38 -16.13 2.58 -3.76
C HIS A 38 -16.22 3.82 -4.66
N THR A 39 -15.12 4.16 -5.33
CA THR A 39 -15.06 5.32 -6.21
C THR A 39 -14.18 4.96 -7.38
N PRO A 40 -14.27 5.71 -8.50
CA PRO A 40 -13.34 5.40 -9.61
C PRO A 40 -11.86 5.49 -9.25
N GLU A 41 -11.51 6.21 -8.19
CA GLU A 41 -10.09 6.42 -7.84
C GLU A 41 -9.47 5.25 -7.09
N THR A 42 -10.30 4.34 -6.57
CA THR A 42 -9.83 3.21 -5.76
C THR A 42 -8.97 2.29 -6.64
N VAL A 43 -7.88 1.81 -6.07
CA VAL A 43 -7.03 0.85 -6.74
C VAL A 43 -6.76 -0.37 -5.90
N ARG A 44 -6.86 -1.54 -6.53
CA ARG A 44 -6.49 -2.76 -5.88
C ARG A 44 -5.56 -3.59 -6.75
N TYR A 45 -4.38 -3.87 -6.24
CA TYR A 45 -3.46 -4.78 -6.92
C TYR A 45 -3.55 -6.10 -6.20
N GLY A 46 -4.07 -7.11 -6.87
CA GLY A 46 -4.28 -8.39 -6.22
C GLY A 46 -3.22 -9.37 -6.60
N ILE A 47 -3.39 -10.60 -6.15
CA ILE A 47 -2.35 -11.59 -6.35
C ILE A 47 -2.02 -11.81 -7.82
N ALA A 48 -3.04 -11.82 -8.68
CA ALA A 48 -2.85 -12.10 -10.08
C ALA A 48 -3.63 -11.14 -10.95
N GLU A 49 -3.99 -9.99 -10.41
CA GLU A 49 -4.84 -9.10 -11.14
C GLU A 49 -4.66 -7.66 -10.63
N VAL A 50 -5.14 -6.72 -11.44
CA VAL A 50 -5.07 -5.28 -11.18
C VAL A 50 -6.47 -4.73 -11.44
N GLN A 51 -6.99 -3.94 -10.51
CA GLN A 51 -8.33 -3.36 -10.62
C GLN A 51 -8.29 -1.88 -10.33
N HIS A 52 -8.85 -1.08 -11.25
CA HIS A 52 -8.94 0.37 -11.10
C HIS A 52 -10.42 0.71 -10.95
N GLY A 53 -10.79 1.27 -9.81
CA GLY A 53 -12.15 1.69 -9.54
C GLY A 53 -12.96 0.67 -8.75
N GLY A 54 -13.80 1.17 -7.85
CA GLY A 54 -14.66 0.30 -7.04
C GLY A 54 -15.50 -0.70 -7.83
N GLU A 55 -15.95 -0.33 -9.02
CA GLU A 55 -16.83 -1.17 -9.82
C GLU A 55 -16.13 -2.44 -10.28
N ALA A 56 -14.90 -2.28 -10.74
CA ALA A 56 -14.10 -3.43 -11.16
C ALA A 56 -13.84 -4.33 -9.96
N ILE A 57 -13.51 -3.71 -8.83
CA ILE A 57 -13.20 -4.46 -7.63
C ILE A 57 -14.41 -5.28 -7.20
N ARG A 58 -15.59 -4.67 -7.15
CA ARG A 58 -16.79 -5.38 -6.75
C ARG A 58 -17.15 -6.52 -7.73
N ALA A 59 -16.97 -6.29 -9.02
CA ALA A 59 -17.27 -7.29 -10.02
C ALA A 59 -16.33 -8.50 -9.84
N TRP A 60 -15.07 -8.22 -9.55
CA TRP A 60 -14.11 -9.27 -9.27
C TRP A 60 -14.48 -10.09 -8.00
N ARG A 61 -14.86 -9.44 -6.89
CA ARG A 61 -15.27 -10.19 -5.67
C ARG A 61 -16.39 -11.21 -5.93
N GLU A 62 -17.29 -10.90 -6.85
CA GLU A 62 -18.41 -11.77 -7.16
C GLU A 62 -18.01 -13.06 -7.86
N ARG A 63 -16.86 -13.06 -8.52
CA ARG A 63 -16.52 -14.18 -9.37
C ARG A 63 -15.24 -14.90 -8.93
N CYS A 64 -14.48 -14.29 -8.04
CA CYS A 64 -13.15 -14.79 -7.70
C CYS A 64 -13.25 -16.00 -6.79
N GLU A 65 -12.19 -16.78 -6.78
CA GLU A 65 -12.06 -17.87 -5.83
C GLU A 65 -11.85 -17.22 -4.43
N PRO A 66 -12.54 -17.72 -3.38
CA PRO A 66 -12.38 -17.24 -2.01
C PRO A 66 -11.01 -17.52 -1.42
N VAL A 67 -10.65 -16.80 -0.37
CA VAL A 67 -9.38 -17.08 0.31
C VAL A 67 -9.45 -18.49 0.91
N PRO A 68 -8.29 -19.13 1.04
CA PRO A 68 -8.26 -20.44 1.66
C PRO A 68 -8.69 -20.34 3.12
N LYS A 69 -9.48 -21.30 3.57
CA LYS A 69 -9.94 -21.30 4.97
C LYS A 69 -8.77 -21.39 5.97
N SER A 70 -7.65 -22.00 5.53
CA SER A 70 -6.43 -22.14 6.33
C SER A 70 -5.55 -20.88 6.47
N ARG A 71 -6.01 -19.76 5.93
CA ARG A 71 -5.27 -18.49 5.97
C ARG A 71 -4.89 -18.12 7.38
N LYS A 72 -3.62 -17.79 7.58
CA LYS A 72 -3.08 -17.40 8.87
C LYS A 72 -2.21 -16.14 8.69
N LEU A 73 -2.45 -15.14 9.51
CA LEU A 73 -1.71 -13.87 9.45
C LEU A 73 -0.45 -13.96 10.28
N HIS A 74 0.61 -13.27 9.85
CA HIS A 74 1.87 -13.16 10.58
C HIS A 74 2.35 -11.71 10.50
N ARG A 75 2.98 -11.24 11.56
CA ARG A 75 3.70 -9.96 11.59
C ARG A 75 2.88 -8.80 11.06
N THR A 76 1.72 -8.63 11.68
CA THR A 76 0.82 -7.51 11.37
C THR A 76 1.26 -6.19 11.97
N VAL A 77 1.38 -5.16 11.14
CA VAL A 77 1.77 -3.83 11.64
C VAL A 77 0.63 -2.87 11.34
N VAL A 78 0.08 -2.26 12.38
CA VAL A 78 -0.96 -1.26 12.23
C VAL A 78 -0.33 0.04 12.62
N THR A 79 -0.29 0.98 11.68
CA THR A 79 0.27 2.29 11.96
C THR A 79 -0.75 3.33 11.59
N THR A 80 -1.04 4.25 12.52
CA THR A 80 -2.03 5.30 12.31
C THR A 80 -1.40 6.71 12.34
N PHE A 81 -1.98 7.64 11.59
CA PHE A 81 -1.43 8.98 11.49
C PHE A 81 -2.58 9.95 11.76
N GLY A 82 -2.46 10.70 12.84
CA GLY A 82 -3.55 11.54 13.35
C GLY A 82 -4.74 10.67 13.70
N THR A 83 -5.94 11.17 13.42
CA THR A 83 -7.16 10.44 13.77
C THR A 83 -7.85 9.77 12.59
N ASP A 84 -7.41 10.04 11.35
CA ASP A 84 -8.15 9.60 10.18
C ASP A 84 -7.43 8.77 9.10
N PHE A 85 -6.17 8.40 9.31
CA PHE A 85 -5.39 7.70 8.29
C PHE A 85 -4.58 6.61 8.90
N ALA A 86 -4.32 5.54 8.12
CA ALA A 86 -3.59 4.40 8.64
C ALA A 86 -3.11 3.51 7.52
N THR A 87 -2.10 2.73 7.83
CA THR A 87 -1.65 1.62 7.00
C THR A 87 -1.69 0.36 7.86
N VAL A 88 -2.16 -0.72 7.27
CA VAL A 88 -2.07 -2.06 7.87
C VAL A 88 -1.36 -2.97 6.90
N SER A 89 -0.24 -3.52 7.36
CA SER A 89 0.64 -4.36 6.59
C SER A 89 0.70 -5.72 7.29
N THR A 90 0.38 -6.78 6.58
CA THR A 90 0.56 -8.11 7.14
C THR A 90 1.08 -9.13 6.13
N GLU A 91 1.75 -10.14 6.65
CA GLU A 91 2.06 -11.31 5.89
C GLU A 91 1.05 -12.37 6.22
N PHE A 92 1.01 -13.39 5.37
CA PHE A 92 0.05 -14.46 5.51
C PHE A 92 0.49 -15.72 4.81
N THR A 93 0.13 -16.84 5.40
CA THR A 93 0.38 -18.16 4.82
C THR A 93 -0.95 -18.90 4.78
N SER A 94 -0.97 -20.03 4.07
CA SER A 94 -2.10 -20.94 4.10
C SER A 94 -1.64 -22.29 3.59
N ASP A 95 -2.51 -23.27 3.69
CA ASP A 95 -2.23 -24.63 3.14
C ASP A 95 -2.35 -24.73 1.62
N ALA A 96 -2.95 -23.71 0.99
CA ALA A 96 -3.23 -23.72 -0.44
C ALA A 96 -2.02 -23.31 -1.29
N THR A 97 -0.97 -22.78 -0.66
CA THR A 97 0.25 -22.39 -1.35
C THR A 97 1.46 -22.46 -0.41
N PRO A 98 2.65 -22.81 -0.95
CA PRO A 98 3.86 -22.71 -0.16
C PRO A 98 4.45 -21.29 -0.09
N LEU A 99 3.87 -20.37 -0.84
CA LEU A 99 4.38 -19.01 -0.98
C LEU A 99 3.99 -18.16 0.19
N LEU A 100 4.80 -17.12 0.40
CA LEU A 100 4.55 -16.14 1.43
C LEU A 100 3.71 -15.04 0.87
N GLY A 101 2.60 -14.75 1.54
CA GLY A 101 1.72 -13.70 1.15
C GLY A 101 2.02 -12.41 1.87
N ARG A 102 1.84 -11.30 1.17
CA ARG A 102 1.99 -9.98 1.72
C ARG A 102 0.75 -9.16 1.37
N GLN A 103 0.26 -8.41 2.33
CA GLN A 103 -0.91 -7.54 2.09
C GLN A 103 -0.70 -6.20 2.74
N MSE A 104 -0.86 -5.12 1.96
CA MSE A 104 -0.75 -3.79 2.51
C MSE A 104 -2.00 -3.01 2.12
O MSE A 104 -2.30 -2.91 0.95
CB MSE A 104 0.46 -3.05 1.98
CG MSE A 104 0.75 -1.76 2.64
SE MSE A 104 2.44 -1.11 1.98
CE MSE A 104 3.72 -2.21 3.06
N GLN A 105 -2.68 -2.49 3.13
CA GLN A 105 -3.90 -1.71 2.96
C GLN A 105 -3.71 -0.34 3.52
N THR A 106 -4.16 0.68 2.77
CA THR A 106 -4.20 2.05 3.26
C THR A 106 -5.64 2.29 3.64
N TRP A 107 -5.83 2.75 4.88
CA TRP A 107 -7.14 3.00 5.46
C TRP A 107 -7.28 4.48 5.73
N ALA A 108 -8.50 4.98 5.51
CA ALA A 108 -8.81 6.37 5.80
C ALA A 108 -10.24 6.44 6.29
N ARG A 109 -10.51 7.45 7.11
CA ARG A 109 -11.84 7.75 7.64
C ARG A 109 -12.23 9.07 6.98
N LEU A 110 -13.02 9.03 5.92
CA LEU A 110 -13.16 10.19 5.04
C LEU A 110 -14.22 11.11 5.57
N SER A 111 -15.06 10.59 6.44
CA SER A 111 -15.93 11.41 7.27
C SER A 111 -16.32 10.60 8.51
N PRO A 112 -16.77 11.26 9.58
CA PRO A 112 -17.28 10.47 10.71
C PRO A 112 -18.39 9.47 10.35
N ALA A 113 -19.35 9.91 9.53
CA ALA A 113 -20.43 9.01 9.11
C ALA A 113 -19.93 7.80 8.29
N ASP A 114 -18.94 8.02 7.41
CA ASP A 114 -18.42 6.93 6.55
C ASP A 114 -17.67 5.89 7.35
N GLY A 115 -17.00 6.31 8.43
CA GLY A 115 -16.16 5.39 9.20
C GLY A 115 -14.94 4.96 8.42
N TRP A 116 -14.23 3.94 8.93
CA TRP A 116 -12.96 3.49 8.35
C TRP A 116 -13.22 2.74 7.06
N LYS A 117 -12.42 3.02 6.03
CA LYS A 117 -12.46 2.24 4.81
C LYS A 117 -11.08 2.04 4.23
N ILE A 118 -10.94 0.98 3.46
CA ILE A 118 -9.68 0.73 2.69
C ILE A 118 -9.79 1.52 1.38
N VAL A 119 -8.85 2.42 1.17
CA VAL A 119 -8.82 3.26 -0.02
C VAL A 119 -7.87 2.75 -1.10
N ALA A 120 -6.93 1.88 -0.72
CA ALA A 120 -6.04 1.21 -1.66
C ALA A 120 -5.52 -0.06 -1.02
N ALA A 121 -5.34 -1.13 -1.80
CA ALA A 121 -4.72 -2.33 -1.28
C ALA A 121 -3.86 -3.01 -2.33
N HIS A 122 -2.77 -3.63 -1.85
CA HIS A 122 -1.85 -4.41 -2.69
C HIS A 122 -1.57 -5.73 -1.96
N VAL A 123 -1.78 -6.84 -2.67
CA VAL A 123 -1.60 -8.18 -2.18
C VAL A 123 -0.68 -8.92 -3.17
N SER A 124 0.32 -9.64 -2.68
CA SER A 124 1.16 -10.47 -3.56
C SER A 124 1.64 -11.69 -2.85
N LEU A 125 2.08 -12.70 -3.63
CA LEU A 125 2.73 -13.88 -3.09
C LEU A 125 4.13 -13.95 -3.66
N ILE A 126 5.09 -14.36 -2.84
CA ILE A 126 6.46 -14.57 -3.25
C ILE A 126 7.03 -15.84 -2.61
N ALA A 127 8.10 -16.38 -3.21
CA ALA A 127 8.83 -17.48 -2.63
C ALA A 127 9.28 -17.06 -1.25
N MSE A 128 9.15 -17.98 -0.29
CA MSE A 128 9.58 -17.80 1.09
C MSE A 128 11.01 -17.34 1.06
O MSE A 128 11.88 -18.11 0.66
CB MSE A 128 9.50 -19.13 1.81
CG MSE A 128 8.14 -19.33 2.37
SE MSE A 128 7.97 -18.12 3.88
CE MSE A 128 8.06 -19.52 5.29
N PRO A 129 11.28 -16.06 1.42
CA PRO A 129 12.69 -15.66 1.46
C PRO A 129 13.36 -16.43 2.57
N GLY B 1 -10.72 16.92 8.04
CA GLY B 1 -10.67 17.44 6.64
C GLY B 1 -9.98 16.40 5.75
N MSE B 2 -10.77 15.69 4.94
CA MSE B 2 -10.25 14.72 3.96
C MSE B 2 -10.90 14.85 2.56
O MSE B 2 -11.20 13.82 1.97
CB MSE B 2 -10.42 13.27 4.46
CG MSE B 2 -9.86 12.96 5.81
SE MSE B 2 -7.91 12.79 5.83
CE MSE B 2 -7.58 10.88 5.36
N GLU B 3 -11.12 16.09 2.06
CA GLU B 3 -11.41 16.29 0.62
C GLU B 3 -10.44 15.49 -0.25
N VAL B 4 -11.00 14.84 -1.26
CA VAL B 4 -10.28 13.97 -2.17
C VAL B 4 -9.76 14.73 -3.42
N ASN B 5 -8.45 14.63 -3.64
CA ASN B 5 -7.78 15.14 -4.85
C ASN B 5 -7.84 16.64 -4.97
N GLN B 6 -7.60 17.35 -3.85
CA GLN B 6 -7.43 18.80 -3.94
C GLN B 6 -6.25 19.07 -4.89
N PRO B 7 -6.45 19.86 -5.95
CA PRO B 7 -5.42 19.97 -6.99
C PRO B 7 -3.98 20.36 -6.55
N ASP B 8 -3.85 21.29 -5.60
CA ASP B 8 -2.55 21.70 -5.07
C ASP B 8 -1.83 20.51 -4.45
N ILE B 9 -2.61 19.69 -3.75
CA ILE B 9 -2.07 18.57 -3.03
C ILE B 9 -1.72 17.48 -4.02
N VAL B 10 -2.56 17.22 -5.03
CA VAL B 10 -2.20 16.26 -6.08
C VAL B 10 -0.86 16.67 -6.75
N ALA B 11 -0.71 17.96 -7.03
CA ALA B 11 0.50 18.48 -7.68
C ALA B 11 1.76 18.27 -6.82
N GLN B 12 1.65 18.53 -5.53
CA GLN B 12 2.74 18.28 -4.59
C GLN B 12 3.17 16.82 -4.56
N VAL B 13 2.21 15.91 -4.50
CA VAL B 13 2.55 14.51 -4.39
C VAL B 13 3.13 14.01 -5.72
N GLN B 14 2.56 14.44 -6.85
CA GLN B 14 3.13 14.08 -8.15
C GLN B 14 4.59 14.50 -8.23
N ALA B 15 4.93 15.71 -7.77
CA ALA B 15 6.30 16.21 -7.81
C ALA B 15 7.23 15.33 -6.95
N ALA B 16 6.77 15.04 -5.73
CA ALA B 16 7.55 14.21 -4.79
C ALA B 16 7.76 12.80 -5.35
N PHE B 17 6.69 12.24 -5.88
CA PHE B 17 6.72 10.92 -6.51
C PHE B 17 7.68 10.77 -7.71
N VAL B 18 7.66 11.74 -8.59
CA VAL B 18 8.49 11.67 -9.81
C VAL B 18 9.94 11.92 -9.44
N GLU B 19 10.19 12.69 -8.38
CA GLU B 19 11.53 12.80 -7.81
C GLU B 19 12.01 11.49 -7.23
N TYR B 20 11.13 10.75 -6.57
CA TYR B 20 11.50 9.43 -6.05
C TYR B 20 11.84 8.48 -7.18
N GLU B 21 11.06 8.54 -8.26
CA GLU B 21 11.35 7.74 -9.45
C GLU B 21 12.68 8.09 -10.07
N ARG B 22 13.02 9.38 -10.12
CA ARG B 22 14.36 9.75 -10.56
C ARG B 22 15.45 9.12 -9.68
N ALA B 23 15.27 9.24 -8.36
CA ALA B 23 16.17 8.64 -7.37
C ALA B 23 16.27 7.14 -7.59
N LEU B 24 15.13 6.46 -7.81
CA LEU B 24 15.15 5.01 -8.16
C LEU B 24 15.98 4.72 -9.39
N VAL B 25 15.65 5.41 -10.48
CA VAL B 25 16.34 5.14 -11.76
C VAL B 25 17.84 5.44 -11.70
N GLU B 26 18.23 6.50 -11.00
CA GLU B 26 19.66 6.86 -10.87
C GLU B 26 20.34 6.15 -9.71
N ASN B 27 19.60 5.30 -9.00
CA ASN B 27 20.07 4.68 -7.76
C ASN B 27 20.72 5.70 -6.82
N ASP B 28 20.03 6.82 -6.64
CA ASP B 28 20.49 7.89 -5.77
C ASP B 28 19.97 7.57 -4.38
N ILE B 29 20.77 6.79 -3.65
CA ILE B 29 20.35 6.28 -2.33
C ILE B 29 20.03 7.39 -1.34
N GLU B 30 20.84 8.45 -1.30
CA GLU B 30 20.60 9.58 -0.38
C GLU B 30 19.22 10.22 -0.64
N ALA B 31 18.87 10.44 -1.91
CA ALA B 31 17.60 11.08 -2.25
C ALA B 31 16.44 10.16 -1.90
N MSE B 32 16.61 8.85 -2.13
CA MSE B 32 15.58 7.91 -1.72
C MSE B 32 15.38 7.94 -0.21
O MSE B 32 14.24 8.05 0.26
CB MSE B 32 15.90 6.50 -2.18
CG MSE B 32 15.69 6.31 -3.66
SE MSE B 32 15.99 4.45 -4.23
CE MSE B 32 17.87 4.44 -4.48
N ASN B 33 16.45 7.90 0.56
CA ASN B 33 16.34 7.95 2.00
C ASN B 33 15.67 9.24 2.52
N ALA B 34 15.89 10.37 1.84
CA ALA B 34 15.28 11.65 2.18
C ALA B 34 13.74 11.62 2.14
N LEU B 35 13.21 10.79 1.24
CA LEU B 35 11.78 10.73 0.97
C LEU B 35 11.06 9.51 1.57
N PHE B 36 11.79 8.63 2.24
CA PHE B 36 11.21 7.40 2.82
C PHE B 36 11.29 7.60 4.35
N TRP B 37 10.15 7.39 5.03
CA TRP B 37 10.04 7.50 6.49
C TRP B 37 11.04 6.58 7.14
N HIS B 38 11.73 7.06 8.16
CA HIS B 38 12.83 6.30 8.78
C HIS B 38 12.52 6.11 10.26
N THR B 39 11.68 5.12 10.57
CA THR B 39 11.29 4.81 11.95
C THR B 39 11.14 3.31 12.06
N PRO B 40 11.10 2.78 13.29
CA PRO B 40 10.86 1.34 13.40
C PRO B 40 9.51 0.86 12.84
N GLU B 41 8.54 1.75 12.73
CA GLU B 41 7.18 1.40 12.25
C GLU B 41 7.10 1.24 10.75
N THR B 42 8.07 1.79 10.01
CA THR B 42 8.01 1.75 8.54
C THR B 42 8.07 0.32 8.04
N VAL B 43 7.27 0.03 7.02
CA VAL B 43 7.24 -1.27 6.40
C VAL B 43 7.45 -1.16 4.88
N ARG B 44 8.31 -2.03 4.36
CA ARG B 44 8.42 -2.17 2.89
C ARG B 44 8.34 -3.63 2.48
N TYR B 45 7.39 -3.98 1.59
CA TYR B 45 7.38 -5.29 0.99
C TYR B 45 7.92 -5.11 -0.40
N GLY B 46 9.08 -5.68 -0.68
CA GLY B 46 9.70 -5.56 -2.00
C GLY B 46 9.44 -6.75 -2.88
N ILE B 47 10.09 -6.80 -4.03
CA ILE B 47 9.82 -7.86 -5.00
C ILE B 47 10.13 -9.23 -4.41
N ALA B 48 11.24 -9.31 -3.66
CA ALA B 48 11.74 -10.56 -3.14
C ALA B 48 12.10 -10.46 -1.67
N GLU B 49 11.59 -9.46 -0.97
CA GLU B 49 12.02 -9.26 0.38
C GLU B 49 10.95 -8.50 1.19
N VAL B 50 11.08 -8.57 2.51
CA VAL B 50 10.17 -7.93 3.47
C VAL B 50 11.07 -7.23 4.48
N GLN B 51 10.80 -5.96 4.76
CA GLN B 51 11.64 -5.15 5.64
C GLN B 51 10.75 -4.45 6.62
N HIS B 52 11.11 -4.53 7.90
CA HIS B 52 10.37 -3.86 8.95
C HIS B 52 11.33 -2.90 9.55
N GLY B 53 11.01 -1.62 9.45
CA GLY B 53 11.80 -0.57 10.06
C GLY B 53 12.75 0.11 9.10
N GLY B 54 12.87 1.43 9.25
CA GLY B 54 13.80 2.23 8.43
C GLY B 54 15.20 1.66 8.29
N GLU B 55 15.73 1.08 9.35
CA GLU B 55 17.10 0.61 9.34
C GLU B 55 17.31 -0.55 8.40
N ALA B 56 16.39 -1.50 8.44
CA ALA B 56 16.44 -2.64 7.52
C ALA B 56 16.34 -2.16 6.07
N ILE B 57 15.47 -1.17 5.86
CA ILE B 57 15.22 -0.65 4.51
C ILE B 57 16.47 0.06 3.99
N ARG B 58 17.10 0.89 4.83
CA ARG B 58 18.33 1.59 4.42
C ARG B 58 19.48 0.65 4.16
N ALA B 59 19.58 -0.41 4.95
CA ALA B 59 20.67 -1.35 4.81
C ALA B 59 20.48 -2.14 3.50
N TRP B 60 19.22 -2.47 3.19
CA TRP B 60 18.88 -3.13 1.94
C TRP B 60 19.27 -2.29 0.70
N ARG B 61 18.94 -0.99 0.71
CA ARG B 61 19.29 -0.09 -0.41
C ARG B 61 20.80 -0.07 -0.73
N GLU B 62 21.61 -0.18 0.31
CA GLU B 62 23.08 -0.16 0.14
C GLU B 62 23.62 -1.35 -0.64
N ARG B 63 22.91 -2.47 -0.64
CA ARG B 63 23.45 -3.72 -1.19
C ARG B 63 22.60 -4.30 -2.34
N CYS B 64 21.41 -3.77 -2.54
CA CYS B 64 20.51 -4.35 -3.52
C CYS B 64 20.94 -3.99 -4.93
N GLU B 65 20.46 -4.78 -5.90
CA GLU B 65 20.63 -4.48 -7.31
C GLU B 65 19.72 -3.28 -7.65
N PRO B 66 20.23 -2.31 -8.41
CA PRO B 66 19.45 -1.11 -8.79
C PRO B 66 18.32 -1.43 -9.76
N VAL B 67 17.34 -0.54 -9.90
CA VAL B 67 16.28 -0.77 -10.87
C VAL B 67 16.88 -0.83 -12.28
N PRO B 68 16.22 -1.56 -13.18
CA PRO B 68 16.70 -1.53 -14.56
C PRO B 68 16.53 -0.15 -15.14
N LYS B 69 17.51 0.28 -15.91
CA LYS B 69 17.48 1.61 -16.56
C LYS B 69 16.29 1.77 -17.48
N SER B 70 15.85 0.66 -18.09
CA SER B 70 14.71 0.64 -19.02
C SER B 70 13.33 0.67 -18.34
N ARG B 71 13.29 0.83 -17.02
CA ARG B 71 12.05 0.95 -16.28
C ARG B 71 11.12 2.00 -16.84
N LYS B 72 9.88 1.60 -17.08
CA LYS B 72 8.83 2.48 -17.64
C LYS B 72 7.53 2.32 -16.84
N LEU B 73 6.97 3.42 -16.39
CA LEU B 73 5.74 3.39 -15.63
C LEU B 73 4.53 3.34 -16.56
N HIS B 74 3.45 2.74 -16.06
CA HIS B 74 2.14 2.73 -16.71
C HIS B 74 1.03 2.91 -15.69
N ARG B 75 -0.03 3.59 -16.10
CA ARG B 75 -1.27 3.67 -15.31
C ARG B 75 -1.04 4.14 -13.86
N THR B 76 -0.37 5.27 -13.74
CA THR B 76 -0.11 5.87 -12.43
C THR B 76 -1.33 6.59 -11.88
N VAL B 77 -1.75 6.24 -10.67
CA VAL B 77 -2.89 6.86 -10.03
C VAL B 77 -2.41 7.57 -8.75
N VAL B 78 -2.58 8.89 -8.70
CA VAL B 78 -2.21 9.64 -7.49
C VAL B 78 -3.49 10.08 -6.85
N THR B 79 -3.71 9.69 -5.60
CA THR B 79 -4.96 10.05 -4.91
C THR B 79 -4.58 10.68 -3.58
N THR B 80 -5.11 11.88 -3.28
CA THR B 80 -4.77 12.59 -2.04
C THR B 80 -6.00 12.71 -1.15
N PHE B 81 -5.79 12.73 0.17
CA PHE B 81 -6.89 12.88 1.11
C PHE B 81 -6.54 14.03 2.02
N GLY B 82 -7.36 15.06 2.04
CA GLY B 82 -7.02 16.30 2.72
C GLY B 82 -5.72 16.87 2.19
N THR B 83 -4.92 17.44 3.07
CA THR B 83 -3.70 18.11 2.66
C THR B 83 -2.45 17.29 2.98
N ASP B 84 -2.59 16.20 3.74
CA ASP B 84 -1.40 15.53 4.27
C ASP B 84 -1.26 14.04 4.02
N PHE B 85 -2.13 13.42 3.25
CA PHE B 85 -2.08 11.98 3.02
C PHE B 85 -2.33 11.67 1.58
N ALA B 86 -1.76 10.59 1.10
CA ALA B 86 -1.92 10.19 -0.29
C ALA B 86 -1.54 8.73 -0.50
N THR B 87 -2.04 8.18 -1.59
CA THR B 87 -1.48 6.95 -2.13
C THR B 87 -1.06 7.19 -3.56
N VAL B 88 0.05 6.56 -3.96
CA VAL B 88 0.42 6.51 -5.37
C VAL B 88 0.60 5.08 -5.78
N SER B 89 -0.15 4.68 -6.80
CA SER B 89 -0.13 3.33 -7.29
C SER B 89 0.31 3.39 -8.75
N THR B 90 1.32 2.62 -9.10
CA THR B 90 1.68 2.49 -10.51
C THR B 90 2.08 1.07 -10.89
N GLU B 91 1.94 0.77 -12.18
CA GLU B 91 2.51 -0.41 -12.77
C GLU B 91 3.79 0.01 -13.47
N PHE B 92 4.64 -0.98 -13.74
CA PHE B 92 5.90 -0.72 -14.40
C PHE B 92 6.36 -1.96 -15.13
N THR B 93 7.06 -1.71 -16.24
CA THR B 93 7.70 -2.75 -17.05
C THR B 93 9.17 -2.39 -17.26
N SER B 94 9.97 -3.35 -17.75
CA SER B 94 11.34 -3.07 -18.14
C SER B 94 11.81 -4.14 -19.09
N ASP B 95 13.01 -3.97 -19.65
CA ASP B 95 13.60 -5.06 -20.46
C ASP B 95 14.24 -6.16 -19.63
N ALA B 96 14.42 -5.94 -18.33
CA ALA B 96 15.05 -6.91 -17.46
C ALA B 96 14.13 -8.09 -17.06
N THR B 97 12.82 -7.97 -17.26
CA THR B 97 11.86 -9.01 -16.87
C THR B 97 10.64 -9.01 -17.79
N PRO B 98 10.08 -10.19 -18.07
CA PRO B 98 8.82 -10.20 -18.84
C PRO B 98 7.57 -9.90 -18.00
N LEU B 99 7.77 -9.73 -16.68
CA LEU B 99 6.68 -9.66 -15.71
C LEU B 99 6.20 -8.25 -15.55
N LEU B 100 4.96 -8.14 -15.15
CA LEU B 100 4.37 -6.82 -14.92
C LEU B 100 4.60 -6.47 -13.49
N GLY B 101 5.10 -5.25 -13.23
CA GLY B 101 5.37 -4.79 -11.90
C GLY B 101 4.26 -3.91 -11.36
N ARG B 102 4.03 -4.00 -10.07
CA ARG B 102 3.07 -3.14 -9.38
C ARG B 102 3.76 -2.54 -8.22
N GLN B 103 3.51 -1.25 -7.97
CA GLN B 103 4.12 -0.55 -6.83
C GLN B 103 3.06 0.35 -6.20
N MSE B 104 2.80 0.17 -4.90
CA MSE B 104 1.85 1.06 -4.21
C MSE B 104 2.54 1.64 -3.05
O MSE B 104 3.06 0.89 -2.25
CB MSE B 104 0.61 0.31 -3.70
CG MSE B 104 -0.48 1.16 -3.08
SE MSE B 104 -2.00 -0.01 -2.76
CE MSE B 104 -2.72 -0.18 -4.60
N GLN B 105 2.48 2.98 -2.93
CA GLN B 105 3.15 3.73 -1.88
C GLN B 105 2.14 4.54 -1.11
N THR B 106 2.24 4.53 0.22
CA THR B 106 1.38 5.42 1.01
C THR B 106 2.31 6.55 1.42
N TRP B 107 1.83 7.78 1.20
CA TRP B 107 2.56 9.01 1.47
C TRP B 107 1.87 9.84 2.52
N ALA B 108 2.65 10.49 3.36
CA ALA B 108 2.16 11.35 4.40
C ALA B 108 3.11 12.52 4.58
N ARG B 109 2.53 13.65 4.99
CA ARG B 109 3.26 14.85 5.33
C ARG B 109 3.08 14.99 6.84
N LEU B 110 4.03 14.50 7.60
CA LEU B 110 3.85 14.31 9.02
C LEU B 110 3.99 15.59 9.77
N SER B 111 4.72 16.54 9.18
CA SER B 111 4.78 17.92 9.65
C SER B 111 5.15 18.80 8.47
N PRO B 112 4.86 20.10 8.53
CA PRO B 112 5.27 20.99 7.44
C PRO B 112 6.78 20.93 7.14
N ALA B 113 7.60 20.94 8.19
CA ALA B 113 9.07 20.85 8.05
C ALA B 113 9.56 19.53 7.45
N ASP B 114 8.90 18.41 7.78
CA ASP B 114 9.28 17.10 7.23
C ASP B 114 8.92 16.97 5.76
N GLY B 115 7.85 17.62 5.31
CA GLY B 115 7.44 17.46 3.91
C GLY B 115 6.92 16.06 3.64
N TRP B 116 6.79 15.72 2.37
CA TRP B 116 6.15 14.48 1.99
C TRP B 116 7.10 13.30 2.11
N LYS B 117 6.64 12.20 2.71
CA LYS B 117 7.44 10.97 2.79
C LYS B 117 6.57 9.75 2.53
N ILE B 118 7.19 8.69 2.03
CA ILE B 118 6.61 7.37 1.88
C ILE B 118 6.65 6.70 3.23
N VAL B 119 5.48 6.36 3.78
CA VAL B 119 5.45 5.71 5.08
C VAL B 119 5.28 4.19 4.98
N ALA B 120 4.87 3.72 3.81
CA ALA B 120 4.74 2.30 3.59
C ALA B 120 4.78 2.02 2.08
N ALA B 121 5.43 0.94 1.63
CA ALA B 121 5.42 0.61 0.19
C ALA B 121 5.35 -0.88 -0.06
N HIS B 122 4.67 -1.26 -1.14
CA HIS B 122 4.57 -2.67 -1.53
C HIS B 122 4.81 -2.77 -3.03
N VAL B 123 5.78 -3.60 -3.42
CA VAL B 123 6.17 -3.74 -4.80
C VAL B 123 6.10 -5.24 -5.12
N SER B 124 5.49 -5.63 -6.25
CA SER B 124 5.49 -7.03 -6.66
C SER B 124 5.48 -7.15 -8.16
N LEU B 125 5.84 -8.34 -8.66
CA LEU B 125 5.84 -8.69 -10.07
C LEU B 125 4.88 -9.85 -10.29
N ILE B 126 4.09 -9.78 -11.33
CA ILE B 126 3.19 -10.87 -11.73
C ILE B 126 3.28 -11.02 -13.25
N ALA B 127 2.77 -12.14 -13.76
CA ALA B 127 2.63 -12.41 -15.18
C ALA B 127 1.86 -11.29 -15.84
N MSE B 128 2.26 -10.96 -17.04
CA MSE B 128 1.50 -9.98 -17.81
C MSE B 128 0.08 -10.49 -18.14
O MSE B 128 -0.15 -11.70 -18.30
CB MSE B 128 2.19 -9.67 -19.15
CG MSE B 128 3.49 -8.83 -19.09
SE MSE B 128 3.28 -6.87 -19.06
CE MSE B 128 1.54 -6.64 -19.93
N PRO B 129 -0.85 -9.53 -18.33
CA PRO B 129 -2.15 -9.89 -18.86
C PRO B 129 -2.03 -10.50 -20.25
S SO4 C . 4.91 -16.72 13.54
O1 SO4 C . 5.76 -17.15 12.43
O2 SO4 C . 3.98 -15.68 13.11
O3 SO4 C . 4.11 -17.85 14.05
O4 SO4 C . 5.76 -16.18 14.59
S SO4 D . 3.89 -12.61 14.98
O1 SO4 D . 5.19 -13.27 15.04
O2 SO4 D . 4.07 -11.15 14.86
O3 SO4 D . 3.13 -13.12 13.84
O4 SO4 D . 3.14 -12.86 16.20
C1 EDO E . 1.11 -26.61 0.76
O1 EDO E . 0.37 -26.32 -0.45
C2 EDO E . 2.19 -25.56 1.14
O2 EDO E . 1.81 -24.75 2.29
C1 EDO F . -14.24 10.64 -5.53
O1 EDO F . -14.96 10.09 -6.64
C2 EDO F . -15.17 10.71 -4.32
O2 EDO F . -14.40 10.64 -3.12
C1 EDO G . -15.96 3.21 -9.78
O1 EDO G . -15.78 2.60 -11.07
C2 EDO G . -17.34 2.94 -9.15
O2 EDO G . -17.78 4.05 -8.35
C1 EDO H . -7.08 -18.12 -3.61
O1 EDO H . -8.24 -18.73 -3.03
C2 EDO H . -7.26 -16.61 -3.70
O2 EDO H . -7.34 -16.02 -2.39
C1 EDO I . -22.80 -13.16 -4.59
O1 EDO I . -23.26 -12.53 -5.81
C2 EDO I . -23.02 -12.23 -3.39
O2 EDO I . -23.42 -12.98 -2.23
C1 EDO J . -6.04 -15.56 10.82
O1 EDO J . -4.69 -15.26 11.24
C2 EDO J . -6.40 -15.16 9.38
O2 EDO J . -7.10 -13.90 9.32
C1 EDO K . -16.13 -1.27 -3.23
O1 EDO K . -17.06 -1.47 -2.11
C2 EDO K . -14.99 -2.32 -3.40
O2 EDO K . -15.20 -3.61 -2.77
C1 EDO L . -5.76 -3.41 -15.77
O1 EDO L . -5.11 -2.13 -15.63
C2 EDO L . -7.24 -3.30 -15.47
O2 EDO L . -7.53 -1.97 -14.98
C1 EDO M . 9.07 6.63 -15.99
O1 EDO M . 8.32 5.99 -17.04
C2 EDO M . 10.16 5.74 -15.34
O2 EDO M . 10.30 6.08 -13.93
C1 EDO N . 9.36 -1.42 -21.02
O1 EDO N . 9.04 -2.72 -21.53
C2 EDO N . 10.79 -1.09 -21.44
O2 EDO N . 11.09 0.29 -21.23
C1 EDO O . 12.26 -11.36 -11.82
O1 EDO O . 12.07 -11.90 -10.51
C2 EDO O . 11.74 -12.37 -12.82
O2 EDO O . 11.60 -11.78 -14.11
C1 EDO P . 14.07 2.08 12.45
O1 EDO P . 14.87 3.10 11.83
C2 EDO P . 14.88 0.98 13.09
O2 EDO P . 14.49 -0.29 12.55
C1 EDO Q . 12.17 -9.26 8.06
O1 EDO Q . 11.57 -8.23 8.87
C2 EDO Q . 11.16 -10.35 7.75
O2 EDO Q . 9.97 -10.20 8.54
C1 EDO R . 12.04 -1.24 -6.61
O1 EDO R . 11.60 -0.33 -5.57
C2 EDO R . 10.99 -1.42 -7.71
O2 EDO R . 9.98 -0.36 -7.69
#